data_3LSX
#
_entry.id   3LSX
#
_cell.length_a   47.364
_cell.length_b   47.655
_cell.length_c   137.981
_cell.angle_alpha   90.00
_cell.angle_beta   90.00
_cell.angle_gamma   90.00
#
_symmetry.space_group_name_H-M   'P 2 2 21'
#
loop_
_entity.id
_entity.type
_entity.pdbx_description
1 polymer 'GluA3 S1S2 domain'
2 non-polymer 'GLUTAMIC ACID'
3 non-polymer 2-(2-oxopyrrolidin-1-yl)acetamide
4 non-polymer 'ZINC ION'
5 water water
#
_entity_poly.entity_id   1
_entity_poly.type   'polypeptide(L)'
_entity_poly.pdbx_seq_one_letter_code
;RTIVVTTILESPYVMYKKNHEQLEGNERYEGYCVDLAYEIAKHVRIKYKLSIVGDGKYGARDPETKIWNGMVGELVYGRA
DIAVAPLTITLVREEVIDFSKPFMSLGISIMIKKGTPIESAEDLAKQTEIAYGTLDSGSTKEFFRRSKIAVYEKMWSYMK
SAEPSVFTKTTADGVARVRKSKGKFAFLLESTMNEYIEQRKPCDTMKVGGNLDSKGYGVATPKGSALGTPVNLAVLKLSE
QGILDKLKNKWWYDKGEC
;
_entity_poly.pdbx_strand_id   A
#
loop_
_chem_comp.id
_chem_comp.type
_chem_comp.name
_chem_comp.formula
PZI non-polymer 2-(2-oxopyrrolidin-1-yl)acetamide 'C6 H10 N2 O2'
ZN non-polymer 'ZINC ION' 'Zn 2'
#
# COMPACT_ATOMS: atom_id res chain seq x y z
N ARG A 1 -27.22 1.16 7.87
CA ARG A 1 -27.27 -0.24 7.46
C ARG A 1 -26.32 -0.49 6.28
N THR A 2 -26.16 0.49 5.38
CA THR A 2 -25.11 0.37 4.38
C THR A 2 -23.80 0.98 4.89
N ILE A 3 -22.80 0.17 5.14
CA ILE A 3 -21.59 0.74 5.74
C ILE A 3 -20.61 1.26 4.70
N VAL A 4 -19.86 2.30 5.04
CA VAL A 4 -18.97 2.95 4.10
C VAL A 4 -17.60 2.30 4.25
N VAL A 5 -17.08 1.77 3.16
CA VAL A 5 -15.76 1.17 3.12
C VAL A 5 -14.81 2.08 2.38
N THR A 6 -13.91 2.78 3.10
CA THR A 6 -12.97 3.65 2.43
C THR A 6 -11.86 2.78 1.84
N THR A 7 -11.37 3.13 0.66
CA THR A 7 -10.25 2.38 0.06
C THR A 7 -9.50 3.31 -0.87
N ILE A 8 -8.56 2.77 -1.65
CA ILE A 8 -7.69 3.64 -2.42
C ILE A 8 -7.35 3.04 -3.78
N LEU A 9 -7.23 3.89 -4.82
CA LEU A 9 -6.93 3.33 -6.15
C LEU A 9 -5.46 3.01 -6.15
N GLU A 10 -5.13 1.73 -6.19
CA GLU A 10 -3.73 1.30 -6.09
C GLU A 10 -3.71 -0.08 -6.67
N SER A 11 -3.06 -0.26 -7.81
CA SER A 11 -3.05 -1.56 -8.49
C SER A 11 -2.17 -2.55 -7.76
N PRO A 12 -2.56 -3.84 -7.73
CA PRO A 12 -3.82 -4.40 -8.24
C PRO A 12 -4.87 -4.53 -7.13
N TYR A 13 -4.78 -3.69 -6.09
CA TYR A 13 -5.76 -3.79 -5.00
C TYR A 13 -7.13 -3.22 -5.37
N VAL A 14 -7.16 -2.01 -5.91
CA VAL A 14 -8.41 -1.46 -6.40
C VAL A 14 -8.10 -0.70 -7.70
N MET A 15 -8.78 -1.08 -8.77
CA MET A 15 -8.57 -0.44 -10.08
C MET A 15 -9.92 -0.22 -10.74
N TYR A 16 -10.01 0.77 -11.63
CA TYR A 16 -11.24 0.94 -12.40
C TYR A 16 -11.40 -0.23 -13.38
N LYS A 17 -12.60 -0.82 -13.51
CA LYS A 17 -12.82 -1.81 -14.57
C LYS A 17 -12.75 -1.13 -15.94
N LYS A 18 -12.53 -1.87 -17.02
CA LYS A 18 -12.32 -1.25 -18.34
C LYS A 18 -13.47 -0.32 -18.81
N ASN A 19 -14.70 -0.68 -18.43
CA ASN A 19 -15.90 0.05 -18.82
C ASN A 19 -16.58 0.73 -17.62
N HIS A 20 -15.76 1.16 -16.67
CA HIS A 20 -16.23 1.78 -15.44
C HIS A 20 -17.07 3.03 -15.66
N GLU A 21 -16.79 3.78 -16.72
CA GLU A 21 -17.49 5.05 -16.90
C GLU A 21 -18.95 4.78 -17.27
N GLN A 22 -19.21 3.55 -17.66
CA GLN A 22 -20.55 3.10 -17.99
C GLN A 22 -21.18 2.32 -16.82
N LEU A 23 -20.58 2.42 -15.63
CA LEU A 23 -21.08 1.64 -14.49
C LEU A 23 -21.21 2.50 -13.26
N GLU A 24 -21.83 1.94 -12.23
CA GLU A 24 -22.01 2.71 -11.01
C GLU A 24 -21.75 1.90 -9.76
N GLY A 25 -21.51 2.62 -8.67
CA GLY A 25 -21.37 2.05 -7.33
C GLY A 25 -20.24 1.06 -7.33
N ASN A 26 -20.40 -0.03 -6.60
CA ASN A 26 -19.29 -0.96 -6.43
C ASN A 26 -18.83 -1.58 -7.72
N GLU A 27 -19.73 -1.61 -8.70
CA GLU A 27 -19.38 -2.27 -9.95
C GLU A 27 -18.31 -1.50 -10.74
N ARG A 28 -18.04 -0.26 -10.38
CA ARG A 28 -16.99 0.48 -11.08
C ARG A 28 -15.61 -0.16 -10.89
N TYR A 29 -15.41 -0.89 -9.80
CA TYR A 29 -14.04 -1.26 -9.41
C TYR A 29 -13.78 -2.74 -9.47
N GLU A 30 -12.51 -3.10 -9.57
CA GLU A 30 -12.10 -4.48 -9.44
C GLU A 30 -10.70 -4.54 -8.81
N GLY A 31 -10.36 -5.70 -8.27
CA GLY A 31 -9.02 -5.94 -7.75
C GLY A 31 -9.03 -6.71 -6.44
N TYR A 32 -7.84 -6.88 -5.86
CA TYR A 32 -7.69 -7.78 -4.70
C TYR A 32 -8.57 -7.32 -3.55
N CYS A 33 -8.56 -6.01 -3.26
CA CYS A 33 -9.32 -5.48 -2.12
C CYS A 33 -10.81 -5.38 -2.38
N VAL A 34 -11.19 -5.30 -3.65
CA VAL A 34 -12.58 -5.34 -4.02
C VAL A 34 -13.11 -6.73 -3.72
N ASP A 35 -12.36 -7.75 -4.11
CA ASP A 35 -12.72 -9.13 -3.80
C ASP A 35 -12.65 -9.37 -2.27
N LEU A 36 -11.60 -8.90 -1.62
CA LEU A 36 -11.48 -9.02 -0.16
C LEU A 36 -12.71 -8.37 0.49
N ALA A 37 -13.09 -7.17 0.05
CA ALA A 37 -14.25 -6.53 0.70
C ALA A 37 -15.52 -7.37 0.55
N TYR A 38 -15.74 -7.86 -0.66
CA TYR A 38 -16.89 -8.72 -0.92
C TYR A 38 -16.89 -9.92 0.06
N GLU A 39 -15.77 -10.61 0.16
CA GLU A 39 -15.71 -11.80 1.02
C GLU A 39 -15.92 -11.51 2.48
N ILE A 40 -15.31 -10.45 2.97
CA ILE A 40 -15.51 -10.07 4.35
C ILE A 40 -16.98 -9.69 4.59
N ALA A 41 -17.56 -8.92 3.68
CA ALA A 41 -18.95 -8.46 3.87
C ALA A 41 -19.88 -9.64 3.86
N LYS A 42 -19.53 -10.66 3.10
CA LYS A 42 -20.32 -11.88 3.10
C LYS A 42 -20.27 -12.66 4.43
N HIS A 43 -19.10 -12.67 5.09
CA HIS A 43 -18.99 -13.36 6.38
C HIS A 43 -19.57 -12.56 7.53
N VAL A 44 -19.40 -11.26 7.45
CA VAL A 44 -19.82 -10.38 8.53
C VAL A 44 -21.31 -10.03 8.37
N ARG A 45 -21.84 -10.41 7.20
CA ARG A 45 -23.22 -10.16 6.75
C ARG A 45 -23.62 -8.70 6.73
N ILE A 46 -23.01 -7.92 5.84
CA ILE A 46 -23.31 -6.49 5.82
C ILE A 46 -23.44 -6.07 4.36
N LYS A 47 -24.22 -5.02 4.12
CA LYS A 47 -24.17 -4.27 2.87
C LYS A 47 -23.19 -3.12 3.02
N TYR A 48 -22.54 -2.75 1.93
CA TYR A 48 -21.43 -1.81 2.01
C TYR A 48 -21.27 -1.09 0.68
N LYS A 49 -20.66 0.08 0.71
CA LYS A 49 -20.43 0.83 -0.51
C LYS A 49 -18.97 1.26 -0.52
N LEU A 50 -18.26 0.90 -1.59
CA LEU A 50 -16.88 1.29 -1.72
C LEU A 50 -16.77 2.79 -1.96
N SER A 51 -15.78 3.42 -1.31
CA SER A 51 -15.57 4.85 -1.44
C SER A 51 -14.08 5.18 -1.55
N ILE A 52 -13.64 5.58 -2.75
CA ILE A 52 -12.24 5.95 -2.93
C ILE A 52 -11.91 7.19 -2.14
N VAL A 53 -10.91 7.08 -1.27
CA VAL A 53 -10.57 8.16 -0.37
C VAL A 53 -10.25 9.46 -1.16
N GLY A 54 -10.89 10.57 -0.75
CA GLY A 54 -10.84 11.80 -1.53
C GLY A 54 -9.44 12.33 -1.79
N ASP A 55 -8.58 12.29 -0.76
CA ASP A 55 -7.27 12.86 -0.94
C ASP A 55 -6.23 11.89 -1.51
N GLY A 56 -6.63 10.63 -1.76
CA GLY A 56 -5.73 9.66 -2.37
C GLY A 56 -4.54 9.27 -1.51
N LYS A 57 -4.65 9.44 -0.19
CA LYS A 57 -3.56 9.12 0.72
C LYS A 57 -3.88 7.99 1.68
N TYR A 58 -2.84 7.34 2.22
CA TYR A 58 -3.01 6.21 3.09
C TYR A 58 -3.41 6.67 4.45
N GLY A 59 -2.60 7.57 5.02
CA GLY A 59 -2.92 8.17 6.31
C GLY A 59 -1.73 8.56 7.16
N ALA A 60 -1.67 9.84 7.49
CA ALA A 60 -0.64 10.35 8.36
C ALA A 60 -1.18 11.53 9.14
N ARG A 61 -0.57 11.80 10.28
CA ARG A 61 -0.97 12.91 11.11
C ARG A 61 -0.13 14.16 10.81
N ASP A 62 -0.76 15.26 10.42
CA ASP A 62 -0.03 16.50 10.26
C ASP A 62 0.51 16.97 11.61
N PRO A 63 1.84 17.11 11.74
CA PRO A 63 2.47 17.36 13.04
C PRO A 63 2.05 18.71 13.64
N GLU A 64 1.65 19.63 12.75
CA GLU A 64 1.12 20.93 13.15
C GLU A 64 -0.32 20.88 13.63
N THR A 65 -1.26 20.66 12.71
CA THR A 65 -2.67 20.65 13.04
C THR A 65 -3.08 19.40 13.81
N LYS A 66 -2.22 18.40 13.82
CA LYS A 66 -2.51 17.12 14.45
C LYS A 66 -3.70 16.40 13.81
N ILE A 67 -4.11 16.81 12.61
CA ILE A 67 -5.22 16.18 11.90
C ILE A 67 -4.76 14.99 11.06
N TRP A 68 -5.47 13.87 11.11
CA TRP A 68 -5.12 12.73 10.26
C TRP A 68 -5.70 12.85 8.86
N ASN A 69 -4.91 12.55 7.82
CA ASN A 69 -5.45 12.56 6.47
C ASN A 69 -5.70 11.15 5.95
N GLY A 70 -6.03 11.02 4.68
CA GLY A 70 -6.07 9.70 4.06
C GLY A 70 -7.14 8.80 4.65
N MET A 71 -6.97 7.49 4.53
CA MET A 71 -8.02 6.56 4.95
C MET A 71 -8.05 6.51 6.48
N VAL A 72 -6.90 6.62 7.10
CA VAL A 72 -6.86 6.67 8.55
C VAL A 72 -7.77 7.78 9.04
N GLY A 73 -7.73 8.93 8.35
CA GLY A 73 -8.54 10.08 8.73
C GLY A 73 -10.00 9.83 8.52
N GLU A 74 -10.36 9.17 7.41
CA GLU A 74 -11.75 8.82 7.20
C GLU A 74 -12.33 8.06 8.41
N LEU A 75 -11.56 7.11 8.95
CA LEU A 75 -12.01 6.31 10.10
C LEU A 75 -12.03 7.14 11.38
N VAL A 76 -10.92 7.82 11.67
CA VAL A 76 -10.81 8.64 12.88
C VAL A 76 -11.97 9.63 13.05
N TYR A 77 -12.37 10.29 11.96
CA TYR A 77 -13.41 11.34 12.04
C TYR A 77 -14.83 10.77 11.73
N GLY A 78 -14.93 9.46 11.61
CA GLY A 78 -16.24 8.82 11.48
C GLY A 78 -16.90 8.95 10.13
N ARG A 79 -16.13 9.16 9.06
CA ARG A 79 -16.70 9.31 7.74
C ARG A 79 -16.73 7.97 7.00
N ALA A 80 -15.98 7.00 7.50
CA ALA A 80 -16.00 5.65 6.97
C ALA A 80 -16.07 4.65 8.13
N ASP A 81 -16.69 3.50 7.89
CA ASP A 81 -16.88 2.49 8.92
C ASP A 81 -15.77 1.45 8.91
N ILE A 82 -15.23 1.18 7.71
CA ILE A 82 -14.14 0.24 7.57
CA ILE A 82 -14.18 0.18 7.52
C ILE A 82 -13.23 0.66 6.42
N ALA A 83 -11.96 0.25 6.47
CA ALA A 83 -11.07 0.49 5.34
C ALA A 83 -10.51 -0.86 4.91
N VAL A 84 -10.61 -1.12 3.61
CA VAL A 84 -10.13 -2.38 3.06
C VAL A 84 -9.18 -1.99 1.94
N ALA A 85 -7.89 -2.10 2.20
CA ALA A 85 -6.87 -1.51 1.34
C ALA A 85 -5.51 -2.01 1.78
N PRO A 86 -4.48 -1.77 0.97
CA PRO A 86 -3.16 -2.23 1.45
C PRO A 86 -2.64 -1.25 2.53
N LEU A 87 -3.26 -1.27 3.71
CA LEU A 87 -2.93 -0.31 4.75
C LEU A 87 -2.09 -1.02 5.78
N THR A 88 -0.88 -0.51 5.92
CA THR A 88 0.15 -1.07 6.78
C THR A 88 -0.21 -0.87 8.26
N ILE A 89 -0.13 -1.96 9.01
CA ILE A 89 -0.28 -1.93 10.46
C ILE A 89 0.97 -1.34 11.09
N THR A 90 0.86 -0.14 11.67
CA THR A 90 1.95 0.56 12.36
C THR A 90 1.57 0.98 13.77
N LEU A 91 2.58 1.26 14.60
CA LEU A 91 2.29 1.63 15.98
C LEU A 91 1.43 2.88 15.99
N VAL A 92 1.81 3.91 15.24
CA VAL A 92 1.10 5.20 15.42
C VAL A 92 -0.35 5.12 14.99
N ARG A 93 -0.62 4.31 13.98
CA ARG A 93 -1.99 4.12 13.58
C ARG A 93 -2.79 3.32 14.62
N GLU A 94 -2.14 2.28 15.16
CA GLU A 94 -2.77 1.37 16.11
C GLU A 94 -3.20 2.18 17.35
N GLU A 95 -2.55 3.31 17.61
CA GLU A 95 -2.99 4.19 18.70
C GLU A 95 -4.33 4.87 18.45
N VAL A 96 -4.71 5.04 17.18
CA VAL A 96 -5.94 5.80 16.87
C VAL A 96 -7.03 5.02 16.10
N ILE A 97 -6.70 3.86 15.56
CA ILE A 97 -7.71 3.00 14.94
C ILE A 97 -7.41 1.53 15.28
N ASP A 98 -8.34 0.62 14.99
CA ASP A 98 -8.08 -0.82 15.12
C ASP A 98 -7.74 -1.47 13.76
N PHE A 99 -7.08 -2.63 13.80
CA PHE A 99 -6.67 -3.38 12.63
C PHE A 99 -6.97 -4.85 12.89
N SER A 100 -7.50 -5.52 11.89
CA SER A 100 -7.54 -6.97 11.94
C SER A 100 -6.11 -7.51 11.99
N LYS A 101 -5.96 -8.79 12.31
CA LYS A 101 -4.71 -9.49 12.05
C LYS A 101 -4.37 -9.37 10.54
N PRO A 102 -3.08 -9.46 10.18
CA PRO A 102 -2.71 -9.14 8.78
C PRO A 102 -3.39 -10.04 7.74
N PHE A 103 -3.85 -9.47 6.63
CA PHE A 103 -4.27 -10.31 5.51
C PHE A 103 -3.17 -10.52 4.43
N MET A 104 -2.06 -9.79 4.53
CA MET A 104 -0.94 -10.00 3.60
C MET A 104 0.29 -9.65 4.39
N SER A 105 1.38 -10.36 4.16
CA SER A 105 2.65 -10.12 4.85
C SER A 105 3.61 -9.57 3.81
N LEU A 106 4.37 -8.55 4.16
CA LEU A 106 5.23 -7.86 3.17
C LEU A 106 6.35 -7.09 3.88
N GLY A 107 7.16 -6.38 3.10
CA GLY A 107 8.22 -5.55 3.63
C GLY A 107 8.61 -4.52 2.58
N ILE A 108 9.29 -3.46 3.01
CA ILE A 108 9.84 -2.46 2.13
C ILE A 108 10.92 -3.08 1.26
N SER A 109 10.99 -2.64 0.00
CA SER A 109 11.81 -3.29 -0.99
C SER A 109 12.38 -2.26 -1.96
N ILE A 110 13.37 -2.63 -2.74
CA ILE A 110 13.91 -1.73 -3.76
C ILE A 110 13.46 -2.11 -5.17
N MET A 111 12.90 -1.17 -5.93
CA MET A 111 12.59 -1.44 -7.34
C MET A 111 13.61 -0.71 -8.20
N ILE A 112 14.28 -1.42 -9.12
CA ILE A 112 15.15 -0.79 -10.10
C ILE A 112 14.67 -0.99 -11.53
N LYS A 113 15.11 -0.13 -12.45
CA LYS A 113 14.96 -0.44 -13.88
C LYS A 113 16.02 -1.52 -14.18
N LYS A 114 15.67 -2.54 -14.95
CA LYS A 114 16.60 -3.63 -15.15
C LYS A 114 17.92 -3.12 -15.69
N GLY A 115 19.01 -3.66 -15.16
CA GLY A 115 20.35 -3.29 -15.58
C GLY A 115 20.99 -2.31 -14.63
N THR A 116 20.19 -1.69 -13.76
CA THR A 116 20.75 -0.73 -12.82
C THR A 116 21.74 -1.40 -11.86
N PRO A 117 22.92 -0.79 -11.65
CA PRO A 117 23.98 -1.38 -10.81
C PRO A 117 23.72 -1.22 -9.29
N ILE A 118 22.66 -1.85 -8.78
CA ILE A 118 22.25 -1.71 -7.39
C ILE A 118 21.71 -3.06 -6.95
N GLU A 119 22.20 -3.58 -5.83
CA GLU A 119 21.75 -4.84 -5.28
C GLU A 119 21.18 -4.72 -3.86
N SER A 120 21.35 -3.57 -3.22
CA SER A 120 21.00 -3.48 -1.80
C SER A 120 20.80 -2.04 -1.39
N ALA A 121 20.29 -1.87 -0.17
CA ALA A 121 20.13 -0.54 0.41
C ALA A 121 21.51 0.06 0.64
N GLU A 122 22.45 -0.76 1.04
CA GLU A 122 23.84 -0.31 1.21
C GLU A 122 24.32 0.26 -0.11
N ASP A 123 24.05 -0.43 -1.22
CA ASP A 123 24.53 0.03 -2.52
C ASP A 123 24.01 1.43 -2.81
N LEU A 124 22.73 1.70 -2.53
CA LEU A 124 22.16 3.04 -2.78
C LEU A 124 22.81 4.11 -1.89
N ALA A 125 22.89 3.78 -0.61
CA ALA A 125 23.31 4.75 0.42
C ALA A 125 24.72 5.26 0.14
N LYS A 126 25.57 4.41 -0.43
CA LYS A 126 26.99 4.77 -0.60
C LYS A 126 27.32 5.42 -1.94
N GLN A 127 26.30 5.88 -2.66
CA GLN A 127 26.54 6.55 -3.94
C GLN A 127 25.49 7.64 -4.12
N THR A 128 25.63 8.45 -5.18
CA THR A 128 24.73 9.58 -5.43
C THR A 128 24.39 9.77 -6.90
N GLU A 129 24.93 8.93 -7.75
CA GLU A 129 24.62 8.94 -9.19
C GLU A 129 23.18 8.53 -9.46
N ILE A 130 22.66 7.66 -8.59
CA ILE A 130 21.31 7.14 -8.74
C ILE A 130 20.47 7.70 -7.63
N ALA A 131 19.49 8.52 -7.99
CA ALA A 131 18.56 9.06 -7.02
C ALA A 131 17.58 7.96 -6.61
N TYR A 132 16.96 8.13 -5.46
CA TYR A 132 15.98 7.16 -4.99
C TYR A 132 14.97 7.89 -4.09
N GLY A 133 13.74 7.40 -4.06
CA GLY A 133 12.70 8.04 -3.28
C GLY A 133 11.63 7.08 -2.79
N THR A 134 10.54 7.63 -2.25
CA THR A 134 9.40 6.84 -1.79
C THR A 134 8.08 7.58 -2.01
N LEU A 135 6.97 6.91 -1.70
CA LEU A 135 5.65 7.52 -1.77
C LEU A 135 5.58 8.53 -0.64
N ASP A 136 4.94 9.67 -0.87
CA ASP A 136 4.68 10.64 0.19
C ASP A 136 3.63 10.18 1.20
N SER A 137 3.83 10.55 2.45
CA SER A 137 2.79 10.40 3.44
C SER A 137 2.36 8.97 3.68
N GLY A 138 3.25 8.00 3.50
CA GLY A 138 2.89 6.63 3.84
C GLY A 138 3.85 6.02 4.85
N SER A 139 3.74 4.72 5.07
CA SER A 139 4.54 4.08 6.09
C SER A 139 6.00 3.90 5.71
N THR A 140 6.30 3.76 4.41
CA THR A 140 7.69 3.65 3.94
C THR A 140 8.44 4.94 4.24
N LYS A 141 7.81 6.08 3.98
CA LYS A 141 8.49 7.34 4.27
C LYS A 141 8.78 7.42 5.76
N GLU A 142 7.78 7.08 6.57
CA GLU A 142 7.97 7.13 8.02
C GLU A 142 9.09 6.20 8.51
N PHE A 143 9.16 5.01 7.92
CA PHE A 143 10.26 4.09 8.19
C PHE A 143 11.61 4.77 8.09
N PHE A 144 11.89 5.44 6.96
CA PHE A 144 13.19 6.09 6.82
C PHE A 144 13.33 7.25 7.82
N ARG A 145 12.27 8.03 7.95
CA ARG A 145 12.29 9.15 8.87
C ARG A 145 12.60 8.68 10.28
N ARG A 146 12.01 7.56 10.68
CA ARG A 146 12.15 7.12 12.08
C ARG A 146 13.35 6.19 12.35
N SER A 147 14.00 5.69 11.29
CA SER A 147 15.00 4.63 11.54
C SER A 147 16.25 5.12 12.30
N LYS A 148 16.77 4.26 13.17
CA LYS A 148 17.97 4.54 13.90
C LYS A 148 19.07 3.63 13.44
N ILE A 149 18.82 2.94 12.33
CA ILE A 149 19.82 2.08 11.70
C ILE A 149 20.69 2.87 10.71
N ALA A 150 22.00 2.71 10.80
CA ALA A 150 22.93 3.60 10.09
C ALA A 150 22.61 3.80 8.62
N VAL A 151 22.55 2.72 7.87
CA VAL A 151 22.35 2.82 6.42
C VAL A 151 21.05 3.59 6.13
N TYR A 152 20.00 3.32 6.91
CA TYR A 152 18.71 3.93 6.62
C TYR A 152 18.70 5.38 7.01
N GLU A 153 19.38 5.69 8.10
CA GLU A 153 19.59 7.07 8.52
C GLU A 153 20.22 7.85 7.36
N LYS A 154 21.15 7.21 6.69
CA LYS A 154 21.92 7.86 5.63
C LYS A 154 21.01 8.11 4.44
N MET A 155 20.23 7.10 4.09
CA MET A 155 19.25 7.24 3.04
C MET A 155 18.25 8.34 3.35
N TRP A 156 17.80 8.42 4.60
CA TRP A 156 16.84 9.44 4.91
C TRP A 156 17.41 10.85 4.77
N SER A 157 18.67 11.00 5.16
CA SER A 157 19.29 12.30 5.12
C SER A 157 19.39 12.72 3.65
N TYR A 158 19.67 11.76 2.78
CA TYR A 158 19.69 12.09 1.37
C TYR A 158 18.28 12.42 0.84
N MET A 159 17.29 11.60 1.17
CA MET A 159 15.96 11.83 0.59
C MET A 159 15.31 13.10 1.10
N LYS A 160 15.53 13.41 2.38
CA LYS A 160 14.84 14.52 3.04
C LYS A 160 15.22 15.84 2.35
N SER A 161 16.41 15.86 1.77
CA SER A 161 16.97 17.09 1.23
C SER A 161 17.09 17.11 -0.29
N ALA A 162 16.91 15.95 -0.91
CA ALA A 162 17.05 15.81 -2.35
C ALA A 162 16.20 16.85 -3.08
N GLU A 163 16.77 17.39 -4.14
CA GLU A 163 16.09 18.39 -4.95
C GLU A 163 16.40 18.07 -6.40
N PRO A 164 15.38 17.93 -7.24
CA PRO A 164 13.91 17.98 -7.05
C PRO A 164 13.42 16.88 -6.12
N SER A 165 12.22 17.03 -5.57
CA SER A 165 11.69 16.09 -4.59
C SER A 165 11.72 14.65 -5.08
N VAL A 166 12.07 13.72 -4.20
CA VAL A 166 12.02 12.31 -4.55
C VAL A 166 10.82 11.63 -3.94
N PHE A 167 9.97 12.39 -3.26
CA PHE A 167 8.75 11.82 -2.69
C PHE A 167 7.62 12.00 -3.66
N THR A 168 7.10 10.88 -4.17
CA THR A 168 6.05 10.92 -5.20
C THR A 168 4.70 10.98 -4.54
N LYS A 169 3.69 11.47 -5.24
CA LYS A 169 2.38 11.49 -4.60
C LYS A 169 1.59 10.20 -4.76
N THR A 170 1.95 9.36 -5.74
CA THR A 170 1.35 8.03 -5.89
C THR A 170 2.42 7.03 -6.27
N THR A 171 2.10 5.75 -6.09
CA THR A 171 3.06 4.69 -6.37
C THR A 171 3.31 4.70 -7.87
N ALA A 172 2.24 4.89 -8.64
CA ALA A 172 2.38 4.89 -10.07
C ALA A 172 3.37 5.95 -10.58
N ASP A 173 3.38 7.14 -9.99
CA ASP A 173 4.36 8.16 -10.36
C ASP A 173 5.79 7.68 -10.06
N GLY A 174 5.97 6.94 -8.96
CA GLY A 174 7.31 6.44 -8.66
C GLY A 174 7.76 5.44 -9.73
N VAL A 175 6.87 4.54 -10.10
CA VAL A 175 7.17 3.53 -11.07
C VAL A 175 7.57 4.18 -12.41
N ALA A 176 6.76 5.16 -12.84
CA ALA A 176 6.99 5.87 -14.11
C ALA A 176 8.34 6.50 -14.06
N ARG A 177 8.67 7.06 -12.90
CA ARG A 177 9.94 7.75 -12.81
C ARG A 177 11.10 6.74 -12.96
N VAL A 178 11.00 5.58 -12.29
CA VAL A 178 11.99 4.55 -12.50
C VAL A 178 12.10 4.23 -13.99
N ARG A 179 10.95 4.02 -14.63
CA ARG A 179 10.93 3.57 -16.01
C ARG A 179 11.47 4.59 -17.01
N LYS A 180 11.28 5.87 -16.72
CA LYS A 180 11.71 6.95 -17.61
C LYS A 180 13.12 7.47 -17.30
N SER A 181 13.71 7.02 -16.21
CA SER A 181 14.99 7.60 -15.77
C SER A 181 16.25 6.88 -16.22
N LYS A 182 16.06 5.85 -17.04
CA LYS A 182 17.19 5.17 -17.65
C LYS A 182 18.17 4.62 -16.60
N GLY A 183 17.65 4.18 -15.47
CA GLY A 183 18.50 3.62 -14.45
C GLY A 183 19.03 4.61 -13.43
N LYS A 184 18.66 5.89 -13.55
CA LYS A 184 19.18 6.88 -12.61
C LYS A 184 18.20 7.23 -11.46
N PHE A 185 17.09 6.49 -11.37
CA PHE A 185 16.17 6.60 -10.23
C PHE A 185 15.77 5.21 -9.79
N ALA A 186 15.88 4.94 -8.49
CA ALA A 186 15.29 3.74 -7.92
C ALA A 186 14.16 4.12 -6.96
N PHE A 187 13.22 3.20 -6.71
CA PHE A 187 12.02 3.50 -5.87
C PHE A 187 11.89 2.52 -4.70
N LEU A 188 11.62 3.05 -3.51
CA LEU A 188 11.48 2.22 -2.33
C LEU A 188 10.00 2.06 -2.07
N LEU A 189 9.51 0.82 -2.16
CA LEU A 189 8.07 0.59 -2.02
C LEU A 189 7.84 -0.82 -1.49
N GLU A 190 6.60 -1.15 -1.16
CA GLU A 190 6.36 -2.42 -0.50
C GLU A 190 6.52 -3.54 -1.51
N SER A 191 6.98 -4.69 -1.03
CA SER A 191 7.38 -5.82 -1.88
C SER A 191 6.17 -6.35 -2.67
N THR A 192 4.99 -6.29 -2.09
CA THR A 192 3.74 -6.66 -2.79
C THR A 192 3.57 -5.79 -4.07
N MET A 193 3.63 -4.48 -3.94
CA MET A 193 3.48 -3.61 -5.13
CA MET A 193 3.45 -3.66 -5.14
C MET A 193 4.64 -3.86 -6.08
N ASN A 194 5.84 -3.96 -5.52
CA ASN A 194 7.04 -4.22 -6.31
C ASN A 194 6.87 -5.49 -7.16
N GLU A 195 6.39 -6.55 -6.51
CA GLU A 195 6.21 -7.86 -7.13
C GLU A 195 5.12 -7.86 -8.19
N TYR A 196 4.07 -7.08 -7.94
CA TYR A 196 3.05 -6.92 -8.99
C TYR A 196 3.59 -6.22 -10.25
N ILE A 197 4.28 -5.09 -10.07
CA ILE A 197 4.80 -4.31 -11.20
C ILE A 197 5.77 -5.15 -12.06
N GLU A 198 6.65 -5.86 -11.38
CA GLU A 198 7.59 -6.75 -11.99
C GLU A 198 6.92 -7.79 -12.93
N GLN A 199 5.66 -8.09 -12.70
CA GLN A 199 4.94 -9.04 -13.57
C GLN A 199 4.12 -8.42 -14.71
N ARG A 200 4.27 -7.11 -14.90
CA ARG A 200 3.48 -6.38 -15.88
C ARG A 200 4.38 -5.83 -17.00
N LYS A 201 3.89 -5.87 -18.24
CA LYS A 201 4.59 -5.20 -19.37
C LYS A 201 4.81 -3.72 -19.02
N PRO A 202 5.91 -3.10 -19.48
CA PRO A 202 6.94 -3.55 -20.41
C PRO A 202 7.97 -4.46 -19.75
N CYS A 203 7.74 -4.92 -18.52
CA CYS A 203 8.66 -5.87 -17.89
C CYS A 203 10.08 -5.34 -17.81
N ASP A 204 10.21 -4.06 -17.48
CA ASP A 204 11.51 -3.40 -17.42
C ASP A 204 12.01 -3.03 -16.01
N THR A 205 11.36 -3.54 -14.97
CA THR A 205 11.76 -3.28 -13.59
C THR A 205 11.86 -4.61 -12.87
N MET A 206 12.55 -4.61 -11.73
CA MET A 206 12.66 -5.80 -10.91
C MET A 206 12.93 -5.45 -9.46
N LYS A 207 12.59 -6.37 -8.55
CA LYS A 207 12.86 -6.18 -7.15
C LYS A 207 14.30 -6.63 -6.94
N VAL A 208 15.07 -5.89 -6.16
CA VAL A 208 16.42 -6.36 -5.85
C VAL A 208 16.70 -6.45 -4.38
N GLY A 209 17.34 -7.54 -3.97
CA GLY A 209 17.75 -7.62 -2.59
C GLY A 209 16.63 -8.14 -1.72
N GLY A 210 16.90 -8.29 -0.44
CA GLY A 210 15.84 -8.73 0.44
C GLY A 210 14.98 -7.56 0.88
N ASN A 211 13.92 -7.85 1.62
CA ASN A 211 13.12 -6.78 2.19
C ASN A 211 13.83 -6.17 3.37
N LEU A 212 13.51 -4.91 3.63
CA LEU A 212 14.09 -4.13 4.70
C LEU A 212 13.43 -4.35 6.06
N ASP A 213 12.21 -4.88 6.05
CA ASP A 213 11.49 -5.14 7.29
C ASP A 213 10.41 -6.17 7.00
N SER A 214 9.69 -6.57 8.05
CA SER A 214 8.64 -7.60 7.95
C SER A 214 7.43 -7.12 8.68
N LYS A 215 6.33 -6.93 7.95
CA LYS A 215 5.16 -6.36 8.56
C LYS A 215 3.96 -6.82 7.78
N GLY A 216 2.81 -6.19 7.98
CA GLY A 216 1.60 -6.69 7.32
C GLY A 216 0.55 -5.62 7.06
N TYR A 217 -0.44 -5.94 6.20
CA TYR A 217 -1.59 -5.07 6.01
C TYR A 217 -2.76 -5.66 6.80
N GLY A 218 -3.67 -4.79 7.27
CA GLY A 218 -4.79 -5.18 8.11
C GLY A 218 -6.02 -4.41 7.69
N VAL A 219 -7.18 -5.04 7.83
CA VAL A 219 -8.41 -4.29 7.56
C VAL A 219 -8.68 -3.42 8.76
N ALA A 220 -8.98 -2.14 8.54
CA ALA A 220 -9.07 -1.22 9.67
C ALA A 220 -10.46 -0.70 10.02
N THR A 221 -10.67 -0.48 11.31
CA THR A 221 -11.96 0.06 11.81
C THR A 221 -11.72 1.15 12.85
N PRO A 222 -12.75 2.03 13.06
CA PRO A 222 -12.56 3.04 14.10
C PRO A 222 -12.33 2.36 15.43
N LYS A 223 -11.60 3.05 16.28
CA LYS A 223 -11.19 2.46 17.53
C LYS A 223 -12.40 2.17 18.39
N GLY A 224 -12.50 0.93 18.85
CA GLY A 224 -13.63 0.52 19.68
C GLY A 224 -14.89 0.13 18.92
N SER A 225 -14.86 0.15 17.59
CA SER A 225 -16.04 -0.18 16.80
C SER A 225 -16.45 -1.65 16.88
N ALA A 226 -17.75 -1.87 16.82
CA ALA A 226 -18.32 -3.18 16.97
C ALA A 226 -17.97 -4.10 15.81
N LEU A 227 -17.67 -3.53 14.65
CA LEU A 227 -17.32 -4.35 13.48
C LEU A 227 -15.96 -5.04 13.62
N GLY A 228 -15.10 -4.51 14.51
CA GLY A 228 -13.71 -4.97 14.58
C GLY A 228 -13.52 -6.46 14.86
N THR A 229 -14.25 -6.97 15.82
CA THR A 229 -14.18 -8.38 16.13
C THR A 229 -14.61 -9.31 14.95
N PRO A 230 -15.84 -9.12 14.41
CA PRO A 230 -16.28 -9.91 13.27
C PRO A 230 -15.32 -9.83 12.09
N VAL A 231 -14.83 -8.64 11.81
CA VAL A 231 -13.93 -8.48 10.68
C VAL A 231 -12.67 -9.31 10.94
N ASN A 232 -12.21 -9.27 12.19
CA ASN A 232 -10.96 -9.96 12.49
C ASN A 232 -11.15 -11.44 12.25
N LEU A 233 -12.21 -12.00 12.82
CA LEU A 233 -12.48 -13.42 12.62
C LEU A 233 -12.69 -13.77 11.13
N ALA A 234 -13.33 -12.88 10.37
CA ALA A 234 -13.49 -13.09 8.94
C ALA A 234 -12.13 -13.19 8.23
N VAL A 235 -11.20 -12.30 8.55
CA VAL A 235 -9.89 -12.33 7.96
C VAL A 235 -9.21 -13.66 8.29
N LEU A 236 -9.27 -14.11 9.55
CA LEU A 236 -8.61 -15.36 9.89
C LEU A 236 -9.27 -16.54 9.18
N LYS A 237 -10.60 -16.55 9.08
CA LYS A 237 -11.22 -17.63 8.32
C LYS A 237 -10.77 -17.65 6.85
N LEU A 238 -10.76 -16.51 6.17
CA LEU A 238 -10.30 -16.45 4.77
C LEU A 238 -8.83 -16.88 4.62
N SER A 239 -8.03 -16.59 5.63
CA SER A 239 -6.62 -16.98 5.62
C SER A 239 -6.55 -18.50 5.67
N GLU A 240 -7.21 -19.07 6.67
CA GLU A 240 -7.17 -20.51 6.88
C GLU A 240 -7.87 -21.33 5.77
N GLN A 241 -8.82 -20.73 5.06
CA GLN A 241 -9.46 -21.48 3.97
C GLN A 241 -8.68 -21.30 2.67
N GLY A 242 -7.56 -20.59 2.72
CA GLY A 242 -6.75 -20.33 1.54
C GLY A 242 -7.28 -19.30 0.51
N ILE A 243 -8.34 -18.60 0.85
CA ILE A 243 -8.91 -17.62 -0.05
C ILE A 243 -7.91 -16.49 -0.29
N LEU A 244 -7.23 -16.08 0.76
CA LEU A 244 -6.30 -14.98 0.60
C LEU A 244 -5.20 -15.39 -0.38
N ASP A 245 -4.76 -16.64 -0.30
CA ASP A 245 -3.69 -17.11 -1.21
C ASP A 245 -4.22 -17.12 -2.62
N LYS A 246 -5.47 -17.59 -2.75
CA LYS A 246 -6.17 -17.65 -4.03
C LYS A 246 -6.23 -16.28 -4.70
N LEU A 247 -6.69 -15.29 -3.93
CA LEU A 247 -6.78 -13.91 -4.41
C LEU A 247 -5.43 -13.32 -4.78
N LYS A 248 -4.41 -13.57 -3.98
CA LYS A 248 -3.10 -13.09 -4.36
C LYS A 248 -2.69 -13.67 -5.72
N ASN A 249 -2.86 -14.98 -5.87
CA ASN A 249 -2.55 -15.61 -7.13
C ASN A 249 -3.33 -14.99 -8.29
N LYS A 250 -4.62 -14.74 -8.07
CA LYS A 250 -5.47 -14.20 -9.08
C LYS A 250 -4.96 -12.86 -9.57
N TRP A 251 -4.60 -11.98 -8.65
CA TRP A 251 -4.26 -10.61 -9.06
C TRP A 251 -2.80 -10.32 -9.40
N TRP A 252 -1.90 -11.19 -8.97
CA TRP A 252 -0.46 -10.99 -9.23
C TRP A 252 0.04 -11.90 -10.36
N TYR A 253 -0.17 -13.18 -10.21
CA TYR A 253 0.61 -14.18 -10.94
C TYR A 253 -0.17 -14.83 -12.07
N ASP A 254 -1.43 -15.19 -11.81
CA ASP A 254 -2.19 -15.93 -12.83
C ASP A 254 -2.11 -15.29 -14.22
N LYS A 255 -2.07 -13.96 -14.25
CA LYS A 255 -2.03 -13.12 -15.45
C LYS A 255 -0.63 -12.50 -15.73
N GLY A 256 0.41 -13.16 -15.23
CA GLY A 256 1.74 -12.57 -15.28
C GLY A 256 2.25 -12.46 -16.71
N GLU A 257 2.81 -11.30 -17.06
CA GLU A 257 3.24 -11.05 -18.45
C GLU A 257 4.76 -11.06 -18.69
N CYS A 258 5.55 -11.46 -17.69
CA CYS A 258 7.00 -11.34 -17.83
C CYS A 258 7.75 -12.64 -17.56
N GLU B . 0.99 0.60 2.59
CA GLU B . 1.54 1.91 2.87
C GLU B . 0.76 2.65 3.99
O GLU B . 1.05 3.80 4.34
CB GLU B . 1.56 2.79 1.63
CG GLU B . 2.69 2.40 0.63
CD GLU B . 4.09 2.83 1.11
OE1 GLU B . 5.09 2.27 0.56
OE2 GLU B . 4.20 3.71 2.01
OXT GLU B . -0.17 2.11 4.57
N01 PZI C . -1.16 -21.64 -3.05
N01 PZI C . -0.51 -20.26 -3.71
C02 PZI C . -0.11 -21.40 -2.08
C02 PZI C . 0.53 -19.61 -2.94
O03 PZI C . 0.40 -22.32 -1.54
O03 PZI C . 1.51 -19.23 -3.49
C04 PZI C . 0.39 -19.97 -1.85
C04 PZI C . 0.39 -19.51 -1.41
N05 PZI C . 1.44 -19.82 -0.84
N05 PZI C . 1.52 -18.93 -0.68
C06 PZI C . 1.28 -20.04 0.49
C06 PZI C . 2.69 -18.59 -1.26
C07 PZI C . 2.50 -19.75 1.13
C07 PZI C . 3.54 -18.05 -0.29
C08 PZI C . 3.41 -19.33 0.16
C08 PZI C . 2.84 -18.06 0.91
C09 PZI C . 2.79 -19.36 -1.06
C09 PZI C . 1.59 -18.60 0.71
O10 PZI C . 3.37 -19.00 -2.28
O10 PZI C . 0.62 -18.78 1.72
ZN ZN D . -13.40 9.36 -19.47
#